data_1AN0
#
_entry.id   1AN0
#
_cell.length_a   99.440
_cell.length_b   99.440
_cell.length_c   102.670
_cell.angle_alpha   90.00
_cell.angle_beta   90.00
_cell.angle_gamma   90.00
#
_symmetry.space_group_name_H-M   'P 41 21 2'
#
loop_
_entity.id
_entity.type
_entity.pdbx_description
1 polymer CDC42HS-GDP
2 non-polymer 'MAGNESIUM ION'
3 non-polymer "GUANOSINE-5'-DIPHOSPHATE"
4 water water
#
_entity_poly.entity_id   1
_entity_poly.type   'polypeptide(L)'
_entity_poly.pdbx_seq_one_letter_code
;(MSE)QTIKCVVVGDGAVGKTCLLISYTTNKFPSEYVPTVFDNYAVTV(MSE)IGGEPYTLGLFDTAGQEDYDRLRPLSY
PQTDVFLVCFSVVSPSSFENVKEKWVPEITHHCPKTPFLLVGTQIDLRDDPSTIEKLAKNKQKPITPETAEKLARDLKAV
KYVECSALTQKGLKNVFDEAILAALEPPEPKKSRRCVL
;
_entity_poly.pdbx_strand_id   A,B
#
loop_
_chem_comp.id
_chem_comp.type
_chem_comp.name
_chem_comp.formula
GDP RNA linking GUANOSINE-5'-DIPHOSPHATE 'C10 H15 N5 O11 P2'
MG non-polymer 'MAGNESIUM ION' 'Mg 2'
#
# COMPACT_ATOMS: atom_id res chain seq x y z
N MSE A 1 -18.64 22.31 21.97
CA MSE A 1 -19.86 22.31 22.84
C MSE A 1 -20.49 20.92 23.02
O MSE A 1 -21.50 20.84 23.73
CB MSE A 1 -20.93 23.31 22.30
CG MSE A 1 -21.54 22.92 20.93
SE MSE A 1 -23.08 23.90 20.57
CE MSE A 1 -23.49 23.19 18.93
N GLN A 2 -19.88 19.87 22.44
CA GLN A 2 -20.32 18.47 22.45
C GLN A 2 -20.28 18.15 20.96
N THR A 3 -19.12 17.69 20.54
CA THR A 3 -18.84 17.43 19.13
C THR A 3 -19.06 16.01 18.61
N ILE A 4 -19.20 15.94 17.30
CA ILE A 4 -19.36 14.70 16.55
C ILE A 4 -18.58 14.91 15.24
N LYS A 5 -17.38 14.38 15.16
CA LYS A 5 -16.58 14.53 13.95
C LYS A 5 -16.82 13.37 13.00
N CYS A 6 -17.14 13.69 11.75
CA CYS A 6 -17.38 12.67 10.75
C CYS A 6 -16.53 13.02 9.53
N VAL A 7 -15.56 12.17 9.23
CA VAL A 7 -14.66 12.42 8.12
C VAL A 7 -15.08 11.65 6.89
N VAL A 8 -15.37 12.36 5.81
CA VAL A 8 -15.81 11.72 4.58
C VAL A 8 -14.62 11.25 3.80
N VAL A 9 -14.69 10.02 3.32
CA VAL A 9 -13.60 9.44 2.55
C VAL A 9 -14.15 8.67 1.36
N GLY A 10 -13.39 8.62 0.29
CA GLY A 10 -13.82 7.90 -0.89
C GLY A 10 -12.98 8.26 -2.09
N ASP A 11 -13.01 7.42 -3.10
CA ASP A 11 -12.25 7.68 -4.32
C ASP A 11 -12.56 9.10 -4.83
N GLY A 12 -11.78 9.56 -5.79
CA GLY A 12 -12.01 10.89 -6.35
C GLY A 12 -13.21 10.91 -7.28
N ALA A 13 -13.89 12.04 -7.35
CA ALA A 13 -15.05 12.23 -8.22
C ALA A 13 -16.25 11.40 -7.77
N VAL A 14 -16.11 10.77 -6.62
CA VAL A 14 -17.18 9.93 -6.09
C VAL A 14 -18.35 10.81 -5.65
N GLY A 15 -18.09 12.10 -5.50
CA GLY A 15 -19.14 13.02 -5.08
C GLY A 15 -19.06 13.33 -3.60
N LYS A 16 -17.86 13.30 -3.03
CA LYS A 16 -17.66 13.58 -1.61
C LYS A 16 -18.01 15.03 -1.30
N THR A 17 -17.31 15.96 -1.94
CA THR A 17 -17.54 17.38 -1.75
C THR A 17 -19.00 17.79 -1.99
N CYS A 18 -19.54 17.44 -3.16
CA CYS A 18 -20.92 17.80 -3.47
C CYS A 18 -21.87 17.25 -2.40
N LEU A 19 -21.58 16.06 -1.90
CA LEU A 19 -22.40 15.45 -0.86
C LEU A 19 -22.48 16.33 0.37
N LEU A 20 -21.34 16.83 0.82
CA LEU A 20 -21.31 17.68 2.00
C LEU A 20 -21.95 19.02 1.74
N ILE A 21 -21.43 19.75 0.75
CA ILE A 21 -21.96 21.06 0.40
C ILE A 21 -23.47 20.97 0.17
N SER A 22 -23.92 19.87 -0.40
CA SER A 22 -25.33 19.70 -0.66
C SER A 22 -26.07 19.56 0.66
N TYR A 23 -25.55 18.72 1.55
CA TYR A 23 -26.19 18.51 2.84
C TYR A 23 -26.29 19.79 3.66
N THR A 24 -25.22 20.57 3.65
CA THR A 24 -25.13 21.80 4.42
C THR A 24 -25.82 23.06 3.91
N THR A 25 -25.90 23.24 2.60
CA THR A 25 -26.55 24.42 2.05
C THR A 25 -27.89 24.12 1.41
N ASN A 26 -28.21 22.83 1.27
CA ASN A 26 -29.47 22.44 0.65
C ASN A 26 -29.57 22.92 -0.79
N LYS A 27 -28.41 22.98 -1.45
CA LYS A 27 -28.30 23.36 -2.85
C LYS A 27 -27.08 22.72 -3.49
N PHE A 28 -27.32 21.76 -4.37
CA PHE A 28 -26.25 21.06 -5.08
C PHE A 28 -25.47 22.07 -5.91
N PRO A 29 -24.14 22.18 -5.70
CA PRO A 29 -23.29 23.12 -6.45
C PRO A 29 -23.36 22.90 -7.95
N SER A 30 -24.44 23.38 -8.54
CA SER A 30 -24.69 23.23 -9.97
C SER A 30 -23.88 24.04 -10.97
N GLU A 31 -22.77 24.64 -10.56
CA GLU A 31 -21.96 25.43 -11.50
C GLU A 31 -20.46 25.39 -11.26
N TYR A 32 -20.05 25.12 -10.03
CA TYR A 32 -18.65 25.04 -9.70
C TYR A 32 -18.58 24.35 -8.37
N VAL A 33 -17.83 23.26 -8.30
CA VAL A 33 -17.67 22.57 -7.04
C VAL A 33 -16.48 23.25 -6.36
N PRO A 34 -16.68 23.79 -5.14
CA PRO A 34 -15.62 24.46 -4.39
C PRO A 34 -14.41 23.56 -4.24
N THR A 35 -13.33 24.00 -4.86
CA THR A 35 -12.06 23.30 -4.88
C THR A 35 -11.31 23.24 -3.57
N VAL A 36 -11.93 23.66 -2.49
CA VAL A 36 -11.24 23.67 -1.21
C VAL A 36 -11.67 22.52 -0.33
N PHE A 37 -10.69 21.85 0.25
CA PHE A 37 -10.95 20.73 1.15
C PHE A 37 -11.24 21.42 2.46
N ASP A 38 -12.52 21.58 2.75
CA ASP A 38 -12.95 22.29 3.98
C ASP A 38 -13.70 21.45 4.98
N ASN A 39 -13.76 21.95 6.21
CA ASN A 39 -14.51 21.28 7.26
C ASN A 39 -15.84 22.02 7.16
N TYR A 40 -16.85 21.50 7.83
CA TYR A 40 -18.17 22.13 7.82
C TYR A 40 -18.68 21.90 9.22
N ALA A 41 -19.72 22.61 9.61
CA ALA A 41 -20.29 22.43 10.93
C ALA A 41 -21.79 22.60 10.79
N VAL A 42 -22.53 21.88 11.63
CA VAL A 42 -23.99 21.92 11.65
C VAL A 42 -24.32 21.66 13.12
N THR A 43 -25.15 22.52 13.70
CA THR A 43 -25.53 22.36 15.10
C THR A 43 -26.76 21.46 15.12
N VAL A 44 -26.54 20.20 15.47
CA VAL A 44 -27.63 19.21 15.53
C VAL A 44 -28.26 19.23 16.89
N MSE A 45 -29.57 18.93 16.93
CA MSE A 45 -30.36 18.96 18.16
C MSE A 45 -30.51 17.65 18.97
O MSE A 45 -31.21 17.70 19.97
CB MSE A 45 -31.74 19.62 17.85
CG MSE A 45 -32.22 20.52 19.02
SE MSE A 45 -31.04 21.94 19.36
CE MSE A 45 -31.94 22.71 20.76
N ILE A 46 -29.70 16.64 18.70
CA ILE A 46 -29.77 15.36 19.43
C ILE A 46 -30.25 15.40 20.90
N GLY A 47 -31.37 14.74 21.18
CA GLY A 47 -31.91 14.69 22.54
C GLY A 47 -32.57 16.00 22.94
N GLY A 48 -31.89 16.75 23.79
CA GLY A 48 -32.41 18.03 24.22
C GLY A 48 -31.33 19.10 24.08
N GLU A 49 -30.07 18.67 24.13
CA GLU A 49 -28.91 19.53 24.04
C GLU A 49 -28.35 19.53 22.61
N PRO A 50 -27.79 20.66 22.15
CA PRO A 50 -27.24 20.74 20.80
C PRO A 50 -25.88 20.08 20.72
N TYR A 51 -25.54 19.56 19.53
CA TYR A 51 -24.26 18.90 19.29
C TYR A 51 -23.63 19.46 18.03
N THR A 52 -22.33 19.68 18.06
CA THR A 52 -21.67 20.21 16.87
C THR A 52 -21.21 19.06 16.01
N LEU A 53 -21.81 18.97 14.83
CA LEU A 53 -21.45 17.92 13.91
C LEU A 53 -20.39 18.50 13.01
N GLY A 54 -19.20 17.94 13.10
CA GLY A 54 -18.11 18.41 12.31
C GLY A 54 -17.96 17.51 11.10
N LEU A 55 -18.30 18.04 9.94
CA LEU A 55 -18.19 17.28 8.72
C LEU A 55 -16.85 17.65 8.10
N PHE A 56 -15.98 16.65 7.93
CA PHE A 56 -14.67 16.90 7.36
C PHE A 56 -14.48 16.22 6.01
N ASP A 57 -14.05 17.02 5.04
CA ASP A 57 -13.83 16.58 3.66
C ASP A 57 -12.37 16.12 3.50
N THR A 58 -12.09 15.27 2.51
CA THR A 58 -10.74 14.77 2.28
C THR A 58 -10.34 14.80 0.82
N ALA A 59 -9.04 14.77 0.57
CA ALA A 59 -8.55 14.77 -0.79
C ALA A 59 -8.24 13.31 -1.12
N GLY A 60 -9.09 12.69 -1.95
CA GLY A 60 -8.91 11.29 -2.29
C GLY A 60 -7.68 10.84 -3.08
N GLN A 61 -7.27 11.67 -4.03
CA GLN A 61 -6.11 11.38 -4.88
C GLN A 61 -4.95 10.70 -4.16
N GLU A 62 -4.24 9.82 -4.87
CA GLU A 62 -3.10 9.12 -4.30
C GLU A 62 -2.08 10.03 -3.68
N ASP A 63 -1.77 11.12 -4.37
CA ASP A 63 -0.82 12.12 -3.90
C ASP A 63 -0.91 12.38 -2.39
N TYR A 64 -2.14 12.36 -1.87
CA TYR A 64 -2.43 12.63 -0.46
C TYR A 64 -2.36 11.44 0.48
N ASP A 65 -2.04 10.26 -0.05
CA ASP A 65 -1.96 9.05 0.76
C ASP A 65 -1.24 9.23 2.09
N ARG A 66 -0.06 9.80 2.02
CA ARG A 66 0.76 10.03 3.20
C ARG A 66 0.25 11.17 4.09
N LEU A 67 -0.56 12.06 3.53
CA LEU A 67 -1.05 13.20 4.30
C LEU A 67 -2.46 13.02 4.83
N ARG A 68 -3.37 12.62 3.96
CA ARG A 68 -4.78 12.44 4.32
C ARG A 68 -5.06 12.03 5.77
N PRO A 69 -4.45 10.95 6.26
CA PRO A 69 -4.65 10.47 7.62
C PRO A 69 -4.48 11.48 8.74
N LEU A 70 -3.82 12.60 8.43
CA LEU A 70 -3.62 13.65 9.41
C LEU A 70 -4.94 14.21 9.96
N SER A 71 -5.99 14.22 9.15
CA SER A 71 -7.27 14.73 9.62
C SER A 71 -8.05 13.67 10.38
N TYR A 72 -7.61 12.42 10.28
CA TYR A 72 -8.30 11.32 10.94
C TYR A 72 -8.46 11.38 12.46
N PRO A 73 -7.45 11.93 13.17
CA PRO A 73 -7.53 12.02 14.63
C PRO A 73 -8.83 12.60 15.17
N GLN A 74 -9.30 11.98 16.25
CA GLN A 74 -10.52 12.34 16.98
C GLN A 74 -11.83 12.15 16.24
N THR A 75 -11.80 11.38 15.16
CA THR A 75 -13.02 11.10 14.38
C THR A 75 -13.94 10.19 15.17
N ASP A 76 -15.24 10.30 14.92
CA ASP A 76 -16.26 9.47 15.60
C ASP A 76 -16.90 8.46 14.65
N VAL A 77 -17.07 8.87 13.40
CA VAL A 77 -17.68 8.00 12.40
C VAL A 77 -17.11 8.36 11.05
N PHE A 78 -16.99 7.36 10.17
CA PHE A 78 -16.47 7.55 8.84
C PHE A 78 -17.51 7.26 7.78
N LEU A 79 -17.37 7.88 6.61
CA LEU A 79 -18.27 7.63 5.50
C LEU A 79 -17.37 7.20 4.36
N VAL A 80 -17.46 5.93 3.98
CA VAL A 80 -16.65 5.43 2.88
C VAL A 80 -17.56 5.55 1.67
N CYS A 81 -17.28 6.54 0.82
CA CYS A 81 -18.11 6.81 -0.34
C CYS A 81 -17.64 6.21 -1.66
N PHE A 82 -18.61 5.77 -2.46
CA PHE A 82 -18.34 5.21 -3.78
C PHE A 82 -19.50 5.53 -4.66
N SER A 83 -19.21 5.88 -5.91
CA SER A 83 -20.25 6.21 -6.86
C SER A 83 -20.90 4.96 -7.38
N VAL A 84 -22.20 4.91 -7.21
CA VAL A 84 -23.02 3.78 -7.64
C VAL A 84 -22.86 3.47 -9.14
N VAL A 85 -22.42 4.45 -9.93
CA VAL A 85 -22.25 4.23 -11.35
C VAL A 85 -20.80 4.20 -11.83
N SER A 86 -19.91 3.72 -10.98
CA SER A 86 -18.49 3.63 -11.28
C SER A 86 -17.94 2.53 -10.42
N PRO A 87 -18.10 1.29 -10.86
CA PRO A 87 -17.61 0.13 -10.11
C PRO A 87 -16.22 0.39 -9.55
N SER A 88 -15.42 1.14 -10.31
CA SER A 88 -14.06 1.48 -9.93
C SER A 88 -13.94 1.86 -8.45
N SER A 89 -14.70 2.86 -8.03
CA SER A 89 -14.68 3.33 -6.67
C SER A 89 -15.13 2.27 -5.68
N PHE A 90 -16.11 1.49 -6.11
CA PHE A 90 -16.70 0.43 -5.30
C PHE A 90 -15.66 -0.61 -4.91
N GLU A 91 -14.88 -1.03 -5.91
CA GLU A 91 -13.83 -2.02 -5.72
C GLU A 91 -12.83 -1.47 -4.71
N ASN A 92 -12.52 -0.18 -4.85
CA ASN A 92 -11.58 0.50 -3.96
C ASN A 92 -12.03 0.58 -2.53
N VAL A 93 -13.33 0.55 -2.31
CA VAL A 93 -13.81 0.62 -0.95
C VAL A 93 -13.11 -0.52 -0.23
N LYS A 94 -13.14 -1.69 -0.85
CA LYS A 94 -12.54 -2.90 -0.30
C LYS A 94 -11.01 -2.91 -0.34
N GLU A 95 -10.45 -2.77 -1.54
CA GLU A 95 -9.00 -2.80 -1.73
C GLU A 95 -8.20 -1.65 -1.12
N LYS A 96 -8.85 -0.50 -0.93
CA LYS A 96 -8.13 0.66 -0.39
C LYS A 96 -8.69 1.38 0.84
N TRP A 97 -9.90 1.88 0.73
CA TRP A 97 -10.50 2.66 1.80
C TRP A 97 -10.71 2.08 3.16
N VAL A 98 -11.51 1.02 3.23
CA VAL A 98 -11.79 0.38 4.52
C VAL A 98 -10.47 0.03 5.23
N PRO A 99 -9.51 -0.55 4.48
CA PRO A 99 -8.24 -0.89 5.11
C PRO A 99 -7.56 0.34 5.76
N GLU A 100 -7.38 1.39 4.96
CA GLU A 100 -6.76 2.61 5.46
C GLU A 100 -7.40 3.06 6.77
N ILE A 101 -8.72 3.24 6.73
CA ILE A 101 -9.48 3.66 7.88
C ILE A 101 -9.16 2.79 9.09
N THR A 102 -9.34 1.47 8.93
CA THR A 102 -9.08 0.53 10.01
C THR A 102 -7.69 0.68 10.54
N HIS A 103 -6.73 0.74 9.63
CA HIS A 103 -5.32 0.88 10.00
C HIS A 103 -5.18 2.01 11.01
N HIS A 104 -5.51 3.22 10.58
CA HIS A 104 -5.39 4.38 11.45
C HIS A 104 -6.39 4.42 12.59
N CYS A 105 -7.66 4.21 12.25
CA CYS A 105 -8.74 4.24 13.22
C CYS A 105 -9.38 2.86 13.33
N PRO A 106 -8.86 2.00 14.20
CA PRO A 106 -9.37 0.65 14.40
C PRO A 106 -10.71 0.53 15.14
N LYS A 107 -10.97 1.44 16.08
CA LYS A 107 -12.22 1.37 16.83
C LYS A 107 -13.33 2.29 16.33
N THR A 108 -13.01 3.11 15.33
CA THR A 108 -13.93 4.08 14.76
C THR A 108 -14.94 3.47 13.80
N PRO A 109 -16.25 3.63 14.06
CA PRO A 109 -17.27 3.05 13.17
C PRO A 109 -17.26 3.74 11.81
N PHE A 110 -17.84 3.09 10.81
CA PHE A 110 -17.89 3.66 9.47
C PHE A 110 -19.10 3.14 8.71
N LEU A 111 -19.68 3.98 7.86
CA LEU A 111 -20.83 3.58 7.07
C LEU A 111 -20.43 3.54 5.63
N LEU A 112 -21.08 2.67 4.88
CA LEU A 112 -20.80 2.54 3.47
C LEU A 112 -21.86 3.41 2.79
N VAL A 113 -21.42 4.44 2.09
CA VAL A 113 -22.35 5.35 1.43
C VAL A 113 -22.32 5.28 -0.09
N GLY A 114 -23.43 4.86 -0.67
CA GLY A 114 -23.49 4.81 -2.12
C GLY A 114 -23.85 6.21 -2.54
N THR A 115 -23.16 6.76 -3.52
CA THR A 115 -23.44 8.12 -3.97
C THR A 115 -23.80 8.18 -5.46
N GLN A 116 -24.45 9.27 -5.89
CA GLN A 116 -24.82 9.50 -7.29
C GLN A 116 -25.83 8.52 -7.87
N ILE A 117 -26.72 8.01 -7.03
CA ILE A 117 -27.72 7.05 -7.46
C ILE A 117 -28.64 7.56 -8.57
N ASP A 118 -28.96 8.86 -8.54
CA ASP A 118 -29.83 9.45 -9.56
C ASP A 118 -29.30 9.03 -10.93
N LEU A 119 -27.98 8.91 -11.05
CA LEU A 119 -27.34 8.51 -12.28
C LEU A 119 -27.54 7.04 -12.61
N ARG A 120 -28.11 6.28 -11.69
CA ARG A 120 -28.32 4.86 -11.96
C ARG A 120 -29.29 4.71 -13.14
N ASP A 121 -29.93 5.82 -13.52
CA ASP A 121 -30.88 5.79 -14.63
C ASP A 121 -30.53 6.71 -15.79
N ASP A 122 -29.41 7.42 -15.70
CA ASP A 122 -29.04 8.31 -16.78
C ASP A 122 -28.36 7.50 -17.87
N PRO A 123 -29.13 7.17 -18.93
CA PRO A 123 -28.75 6.40 -20.10
C PRO A 123 -27.31 6.55 -20.54
N SER A 124 -26.89 7.78 -20.82
CA SER A 124 -25.52 8.00 -21.26
C SER A 124 -24.52 7.38 -20.30
N THR A 125 -24.80 7.45 -19.01
CA THR A 125 -23.91 6.85 -18.02
C THR A 125 -23.97 5.34 -18.22
N ILE A 126 -25.17 4.82 -18.44
CA ILE A 126 -25.33 3.39 -18.68
C ILE A 126 -24.66 3.03 -20.01
N GLU A 127 -25.04 3.73 -21.08
CA GLU A 127 -24.47 3.50 -22.41
C GLU A 127 -22.94 3.60 -22.38
N LYS A 128 -22.42 4.42 -21.48
CA LYS A 128 -20.98 4.60 -21.31
C LYS A 128 -20.40 3.38 -20.62
N LEU A 129 -21.10 2.92 -19.58
CA LEU A 129 -20.66 1.77 -18.82
C LEU A 129 -20.40 0.57 -19.74
N ALA A 130 -21.05 0.56 -20.90
CA ALA A 130 -20.93 -0.47 -21.95
C ALA A 130 -19.82 -1.49 -21.81
N LYS A 131 -18.61 -1.01 -21.52
CA LYS A 131 -17.40 -1.83 -21.32
C LYS A 131 -17.67 -3.02 -20.42
N ASN A 132 -18.47 -3.97 -20.93
CA ASN A 132 -18.89 -5.17 -20.21
C ASN A 132 -19.41 -4.91 -18.80
N LYS A 133 -18.64 -4.15 -18.02
CA LYS A 133 -19.06 -3.82 -16.65
C LYS A 133 -20.07 -2.65 -16.80
N GLN A 134 -20.97 -2.77 -17.78
CA GLN A 134 -21.97 -1.74 -18.03
C GLN A 134 -23.07 -1.80 -16.96
N LYS A 135 -22.69 -2.33 -15.79
CA LYS A 135 -23.59 -2.49 -14.69
C LYS A 135 -23.23 -1.67 -13.47
N PRO A 136 -24.11 -0.73 -13.09
CA PRO A 136 -23.95 0.15 -11.93
C PRO A 136 -24.15 -0.69 -10.68
N ILE A 137 -23.40 -0.37 -9.63
CA ILE A 137 -23.52 -1.12 -8.39
C ILE A 137 -24.97 -1.12 -7.94
N THR A 138 -25.46 -2.27 -7.49
CA THR A 138 -26.84 -2.38 -7.03
C THR A 138 -26.81 -2.39 -5.52
N PRO A 139 -27.93 -2.00 -4.87
CA PRO A 139 -27.92 -2.01 -3.41
C PRO A 139 -27.58 -3.42 -2.93
N GLU A 140 -28.12 -4.41 -3.64
CA GLU A 140 -27.94 -5.82 -3.32
C GLU A 140 -26.49 -6.22 -3.06
N THR A 141 -25.63 -5.89 -4.00
CA THR A 141 -24.21 -6.22 -3.90
C THR A 141 -23.46 -5.31 -2.93
N ALA A 142 -23.81 -4.04 -2.88
CA ALA A 142 -23.14 -3.09 -1.99
C ALA A 142 -23.37 -3.51 -0.54
N GLU A 143 -24.60 -3.91 -0.26
CA GLU A 143 -24.99 -4.34 1.09
C GLU A 143 -24.07 -5.45 1.60
N LYS A 144 -23.91 -6.52 0.83
CA LYS A 144 -23.02 -7.60 1.27
C LYS A 144 -21.65 -7.04 1.61
N LEU A 145 -21.14 -6.15 0.76
CA LEU A 145 -19.84 -5.55 1.01
C LEU A 145 -19.86 -4.90 2.38
N ALA A 146 -20.96 -4.25 2.71
CA ALA A 146 -21.06 -3.63 4.02
C ALA A 146 -20.89 -4.70 5.09
N ARG A 147 -21.61 -5.81 4.94
CA ARG A 147 -21.56 -6.90 5.92
C ARG A 147 -20.14 -7.42 6.11
N ASP A 148 -19.48 -7.76 5.00
CA ASP A 148 -18.13 -8.30 5.05
C ASP A 148 -17.13 -7.34 5.69
N LEU A 149 -17.11 -6.11 5.21
CA LEU A 149 -16.19 -5.12 5.74
C LEU A 149 -16.59 -4.66 7.13
N LYS A 150 -17.76 -5.09 7.59
CA LYS A 150 -18.29 -4.75 8.91
C LYS A 150 -18.79 -3.31 9.10
N ALA A 151 -19.30 -2.71 8.03
CA ALA A 151 -19.81 -1.35 8.09
C ALA A 151 -21.01 -1.34 9.02
N VAL A 152 -21.23 -0.23 9.73
CA VAL A 152 -22.37 -0.17 10.62
C VAL A 152 -23.58 -0.43 9.75
N LYS A 153 -23.52 0.02 8.50
CA LYS A 153 -24.59 -0.20 7.54
C LYS A 153 -24.33 0.54 6.24
N TYR A 154 -25.11 0.16 5.23
CA TYR A 154 -25.02 0.76 3.90
C TYR A 154 -26.19 1.67 3.69
N VAL A 155 -25.88 2.90 3.29
CA VAL A 155 -26.87 3.93 3.03
C VAL A 155 -26.45 4.55 1.70
N GLU A 156 -27.41 4.92 0.88
CA GLU A 156 -27.04 5.53 -0.39
C GLU A 156 -27.84 6.79 -0.59
N CYS A 157 -27.26 7.75 -1.31
CA CYS A 157 -27.89 9.05 -1.54
C CYS A 157 -27.50 9.73 -2.84
N SER A 158 -28.28 10.73 -3.21
CA SER A 158 -28.01 11.51 -4.41
C SER A 158 -27.87 12.98 -4.01
N ALA A 159 -26.64 13.49 -4.02
CA ALA A 159 -26.42 14.88 -3.66
C ALA A 159 -27.14 15.83 -4.61
N LEU A 160 -27.49 15.34 -5.79
CA LEU A 160 -28.17 16.14 -6.81
C LEU A 160 -29.64 16.34 -6.50
N THR A 161 -30.33 15.22 -6.27
CA THR A 161 -31.75 15.24 -5.99
C THR A 161 -32.08 15.26 -4.52
N GLN A 162 -31.04 15.29 -3.68
CA GLN A 162 -31.23 15.28 -2.23
C GLN A 162 -31.77 13.97 -1.67
N LYS A 163 -32.02 12.98 -2.52
CA LYS A 163 -32.58 11.72 -2.01
C LYS A 163 -31.71 11.07 -0.97
N GLY A 164 -32.36 10.59 0.09
CA GLY A 164 -31.64 9.92 1.17
C GLY A 164 -30.77 10.89 1.92
N LEU A 165 -29.75 11.42 1.25
CA LEU A 165 -28.80 12.39 1.80
C LEU A 165 -28.86 12.54 3.33
N LYS A 166 -29.74 13.41 3.78
CA LYS A 166 -29.93 13.68 5.21
C LYS A 166 -29.92 12.40 6.04
N ASN A 167 -30.51 11.36 5.48
CA ASN A 167 -30.58 10.07 6.14
C ASN A 167 -29.17 9.57 6.40
N VAL A 168 -28.33 9.69 5.37
CA VAL A 168 -26.95 9.27 5.47
C VAL A 168 -26.38 9.88 6.74
N PHE A 169 -26.64 11.17 6.93
CA PHE A 169 -26.11 11.87 8.09
C PHE A 169 -26.81 11.58 9.42
N ASP A 170 -28.05 11.11 9.36
CA ASP A 170 -28.74 10.74 10.60
C ASP A 170 -28.12 9.44 11.04
N GLU A 171 -27.93 8.57 10.05
CA GLU A 171 -27.30 7.28 10.28
C GLU A 171 -25.89 7.50 10.82
N ALA A 172 -25.25 8.55 10.32
CA ALA A 172 -23.90 8.94 10.76
C ALA A 172 -23.96 9.45 12.20
N ILE A 173 -24.99 10.21 12.53
CA ILE A 173 -25.12 10.75 13.87
C ILE A 173 -25.40 9.62 14.84
N LEU A 174 -26.38 8.79 14.53
CA LEU A 174 -26.72 7.66 15.41
C LEU A 174 -25.58 6.67 15.56
N ALA A 175 -24.80 6.45 14.51
CA ALA A 175 -23.66 5.52 14.60
C ALA A 175 -22.50 6.10 15.40
N ALA A 176 -22.46 7.42 15.54
CA ALA A 176 -21.38 8.10 16.24
C ALA A 176 -21.64 8.35 17.70
N LEU A 177 -22.88 8.21 18.13
CA LEU A 177 -23.18 8.48 19.53
C LEU A 177 -22.36 7.67 20.53
N GLU A 178 -21.18 8.21 20.84
CA GLU A 178 -20.27 7.60 21.80
C GLU A 178 -20.97 7.38 23.13
N PRO A 179 -20.58 6.33 23.87
CA PRO A 179 -21.14 5.98 25.18
C PRO A 179 -20.82 7.05 26.23
N PRO A 180 -21.40 6.93 27.44
CA PRO A 180 -21.15 7.92 28.51
C PRO A 180 -19.70 7.88 29.05
N GLU A 181 -19.52 7.53 30.31
CA GLU A 181 -18.19 7.46 30.90
C GLU A 181 -17.27 6.48 30.16
N PRO A 182 -17.74 5.23 29.97
CA PRO A 182 -17.01 4.16 29.29
C PRO A 182 -15.68 4.47 28.63
N LYS A 183 -14.66 3.73 29.06
CA LYS A 183 -13.31 3.85 28.52
C LYS A 183 -13.33 3.39 27.06
N LYS A 184 -14.42 2.75 26.66
CA LYS A 184 -14.60 2.30 25.30
C LYS A 184 -15.35 3.39 24.51
N SER A 185 -14.61 4.42 24.12
CA SER A 185 -15.16 5.54 23.36
C SER A 185 -14.45 5.60 22.01
N ARG A 186 -15.10 5.03 20.99
CA ARG A 186 -14.56 4.94 19.63
C ARG A 186 -13.93 6.16 18.96
N ARG A 187 -13.86 7.27 19.69
CA ARG A 187 -13.27 8.49 19.16
C ARG A 187 -11.84 8.15 18.77
N CYS A 188 -11.52 8.29 17.48
CA CYS A 188 -10.20 7.96 16.96
C CYS A 188 -9.06 8.77 17.59
N VAL A 189 -7.85 8.23 17.55
CA VAL A 189 -6.67 8.87 18.12
C VAL A 189 -5.42 8.15 17.59
N MSE B 1 1.15 4.22 -8.30
CA MSE B 1 0.14 4.23 -9.42
C MSE B 1 0.26 2.99 -10.32
O MSE B 1 -0.53 2.86 -11.25
CB MSE B 1 0.31 5.52 -10.26
CG MSE B 1 1.77 5.77 -10.75
SE MSE B 1 2.92 6.07 -9.32
CE MSE B 1 4.46 6.30 -10.29
N GLN B 2 1.35 2.23 -10.17
CA GLN B 2 1.66 1.02 -10.92
C GLN B 2 3.02 0.69 -10.34
N THR B 3 3.03 -0.27 -9.42
CA THR B 3 4.24 -0.63 -8.72
C THR B 3 4.91 -1.91 -9.13
N ILE B 4 6.06 -2.11 -8.51
CA ILE B 4 6.89 -3.29 -8.66
C ILE B 4 7.54 -3.41 -7.29
N LYS B 5 7.06 -4.37 -6.50
CA LYS B 5 7.60 -4.59 -5.16
C LYS B 5 8.81 -5.49 -5.29
N CYS B 6 9.88 -5.11 -4.59
CA CYS B 6 11.13 -5.87 -4.62
C CYS B 6 11.63 -6.05 -3.22
N VAL B 7 11.58 -7.29 -2.73
CA VAL B 7 12.03 -7.63 -1.38
C VAL B 7 13.43 -8.21 -1.39
N VAL B 8 14.34 -7.66 -0.60
CA VAL B 8 15.69 -8.18 -0.58
C VAL B 8 15.82 -9.16 0.57
N VAL B 9 16.46 -10.30 0.34
CA VAL B 9 16.68 -11.28 1.40
C VAL B 9 18.11 -11.75 1.33
N GLY B 10 18.63 -12.21 2.46
CA GLY B 10 19.99 -12.70 2.49
C GLY B 10 20.49 -12.86 3.92
N ASP B 11 21.65 -13.50 4.07
CA ASP B 11 22.24 -13.72 5.38
C ASP B 11 22.67 -12.38 5.96
N GLY B 12 22.70 -12.30 7.27
CA GLY B 12 23.10 -11.06 7.93
C GLY B 12 24.50 -10.65 7.55
N ALA B 13 24.75 -9.35 7.53
CA ALA B 13 26.06 -8.77 7.19
C ALA B 13 26.42 -8.87 5.72
N VAL B 14 25.55 -9.49 4.93
CA VAL B 14 25.77 -9.65 3.50
C VAL B 14 25.86 -8.31 2.77
N GLY B 15 25.39 -7.24 3.40
CA GLY B 15 25.45 -5.94 2.76
C GLY B 15 24.11 -5.61 2.12
N LYS B 16 23.03 -6.12 2.70
CA LYS B 16 21.69 -5.88 2.18
C LYS B 16 21.29 -4.44 2.36
N THR B 17 21.32 -3.98 3.60
CA THR B 17 20.95 -2.62 3.95
C THR B 17 21.75 -1.54 3.17
N CYS B 18 23.07 -1.71 3.10
CA CYS B 18 23.90 -0.75 2.36
C CYS B 18 23.60 -0.81 0.87
N LEU B 19 23.26 -2.01 0.39
CA LEU B 19 22.93 -2.22 -1.02
C LEU B 19 21.78 -1.31 -1.40
N LEU B 20 20.75 -1.28 -0.56
CA LEU B 20 19.57 -0.44 -0.79
C LEU B 20 19.92 1.02 -0.60
N ILE B 21 20.33 1.36 0.62
CA ILE B 21 20.69 2.74 0.95
C ILE B 21 21.61 3.36 -0.10
N SER B 22 22.62 2.62 -0.53
CA SER B 22 23.54 3.15 -1.52
C SER B 22 22.84 3.35 -2.86
N TYR B 23 22.02 2.38 -3.25
CA TYR B 23 21.32 2.49 -4.50
C TYR B 23 20.38 3.69 -4.52
N THR B 24 19.64 3.87 -3.42
CA THR B 24 18.70 4.97 -3.30
C THR B 24 19.30 6.35 -3.09
N THR B 25 20.34 6.45 -2.26
CA THR B 25 20.96 7.74 -1.96
C THR B 25 22.20 8.09 -2.81
N ASN B 26 22.85 7.09 -3.38
CA ASN B 26 24.04 7.26 -4.22
C ASN B 26 25.28 7.49 -3.37
N LYS B 27 25.21 7.08 -2.12
CA LYS B 27 26.33 7.24 -1.19
C LYS B 27 26.31 6.14 -0.14
N PHE B 28 27.39 5.37 -0.09
CA PHE B 28 27.50 4.28 0.87
C PHE B 28 27.45 4.84 2.29
N PRO B 29 26.59 4.28 3.15
CA PRO B 29 26.43 4.70 4.54
C PRO B 29 27.76 4.66 5.30
N SER B 30 28.61 5.63 5.02
CA SER B 30 29.93 5.73 5.61
C SER B 30 30.06 5.86 7.14
N GLU B 31 28.99 6.23 7.84
CA GLU B 31 29.09 6.36 9.30
C GLU B 31 27.87 5.85 10.05
N TYR B 32 26.81 5.52 9.31
CA TYR B 32 25.61 4.99 9.95
C TYR B 32 24.93 3.99 9.04
N VAL B 33 24.35 2.97 9.66
CA VAL B 33 23.65 1.91 8.97
C VAL B 33 22.61 1.45 9.98
N PRO B 34 21.34 1.41 9.58
CA PRO B 34 20.25 0.99 10.45
C PRO B 34 20.11 -0.53 10.33
N THR B 35 19.06 -1.09 10.92
CA THR B 35 18.78 -2.53 10.84
C THR B 35 17.80 -2.74 9.69
N VAL B 36 17.05 -1.67 9.43
CA VAL B 36 16.03 -1.57 8.41
C VAL B 36 14.79 -2.43 8.62
N PHE B 37 13.68 -1.70 8.61
CA PHE B 37 12.31 -2.18 8.75
C PHE B 37 11.70 -1.02 7.97
N ASP B 38 12.47 -0.55 7.00
CA ASP B 38 12.14 0.59 6.17
C ASP B 38 11.71 0.22 4.76
N ASN B 39 11.31 1.22 4.00
CA ASN B 39 10.86 1.03 2.63
C ASN B 39 11.36 2.24 1.84
N TYR B 40 11.79 1.97 0.61
CA TYR B 40 12.31 3.00 -0.28
C TYR B 40 11.42 2.93 -1.52
N ALA B 41 10.94 4.08 -2.00
CA ALA B 41 10.04 4.09 -3.15
C ALA B 41 10.48 4.93 -4.35
N VAL B 42 11.51 4.48 -5.06
CA VAL B 42 12.02 5.21 -6.21
C VAL B 42 11.00 5.20 -7.34
N THR B 43 10.84 6.36 -7.97
CA THR B 43 9.90 6.53 -9.07
C THR B 43 10.59 6.18 -10.39
N VAL B 44 10.48 4.94 -10.81
CA VAL B 44 11.10 4.48 -12.04
C VAL B 44 10.20 4.86 -13.24
N MSE B 45 10.84 5.15 -14.39
CA MSE B 45 10.08 5.62 -15.57
C MSE B 45 9.72 4.60 -16.69
O MSE B 45 9.14 5.04 -17.65
CB MSE B 45 10.78 6.87 -16.15
CG MSE B 45 9.81 7.84 -16.91
SE MSE B 45 8.47 8.50 -15.79
CE MSE B 45 7.62 9.53 -17.05
N ILE B 46 9.87 3.30 -16.47
CA ILE B 46 9.52 2.28 -17.48
C ILE B 46 8.57 2.69 -18.64
N GLY B 47 8.99 2.48 -19.88
CA GLY B 47 8.17 2.81 -21.03
C GLY B 47 8.01 4.31 -21.20
N GLY B 48 6.82 4.80 -20.88
CA GLY B 48 6.57 6.23 -20.97
C GLY B 48 5.90 6.68 -19.68
N GLU B 49 5.35 5.71 -18.96
CA GLU B 49 4.65 5.94 -17.71
C GLU B 49 5.52 5.61 -16.52
N PRO B 50 5.44 6.43 -15.46
CA PRO B 50 6.22 6.20 -14.26
C PRO B 50 5.76 4.97 -13.48
N TYR B 51 6.71 4.31 -12.82
CA TYR B 51 6.43 3.13 -12.02
C TYR B 51 7.04 3.37 -10.68
N THR B 52 6.34 2.94 -9.64
CA THR B 52 6.87 3.11 -8.33
C THR B 52 7.49 1.78 -7.97
N LEU B 53 8.78 1.83 -7.68
CA LEU B 53 9.55 0.65 -7.33
C LEU B 53 9.69 0.64 -5.83
N GLY B 54 9.04 -0.34 -5.21
CA GLY B 54 9.09 -0.46 -3.77
C GLY B 54 10.21 -1.40 -3.36
N LEU B 55 11.21 -0.84 -2.69
CA LEU B 55 12.36 -1.62 -2.24
C LEU B 55 12.18 -1.91 -0.75
N PHE B 56 11.98 -3.18 -0.44
CA PHE B 56 11.78 -3.61 0.94
C PHE B 56 13.00 -4.37 1.45
N ASP B 57 13.41 -4.06 2.66
CA ASP B 57 14.56 -4.72 3.28
C ASP B 57 14.00 -5.70 4.31
N THR B 58 14.84 -6.63 4.77
CA THR B 58 14.41 -7.63 5.75
C THR B 58 15.52 -7.95 6.75
N ALA B 59 15.14 -8.29 7.98
CA ALA B 59 16.11 -8.66 9.01
C ALA B 59 16.32 -10.17 8.82
N GLY B 60 17.51 -10.54 8.34
CA GLY B 60 17.82 -11.94 8.08
C GLY B 60 17.94 -12.91 9.25
N GLN B 61 18.40 -12.41 10.39
CA GLN B 61 18.59 -13.20 11.61
C GLN B 61 17.54 -14.30 11.82
N GLU B 62 17.98 -15.42 12.38
CA GLU B 62 17.13 -16.57 12.66
C GLU B 62 15.87 -16.22 13.42
N ASP B 63 16.02 -15.35 14.42
CA ASP B 63 14.90 -14.92 15.25
C ASP B 63 13.72 -14.45 14.39
N TYR B 64 14.03 -13.75 13.29
CA TYR B 64 13.03 -13.20 12.38
C TYR B 64 12.44 -14.17 11.39
N ASP B 65 12.89 -15.42 11.43
CA ASP B 65 12.42 -16.47 10.51
C ASP B 65 10.91 -16.62 10.34
N ARG B 66 10.16 -16.70 11.43
CA ARG B 66 8.72 -16.85 11.32
C ARG B 66 7.97 -15.55 11.02
N LEU B 67 8.62 -14.42 11.29
CA LEU B 67 8.02 -13.09 11.08
C LEU B 67 8.37 -12.39 9.76
N ARG B 68 9.64 -12.42 9.36
CA ARG B 68 10.08 -11.79 8.12
C ARG B 68 9.13 -12.00 6.93
N PRO B 69 8.62 -13.24 6.74
CA PRO B 69 7.70 -13.54 5.63
C PRO B 69 6.48 -12.65 5.58
N LEU B 70 6.24 -11.88 6.62
CA LEU B 70 5.11 -10.97 6.69
C LEU B 70 5.13 -9.92 5.59
N SER B 71 6.33 -9.55 5.14
CA SER B 71 6.45 -8.56 4.07
C SER B 71 6.35 -9.19 2.68
N TYR B 72 6.55 -10.50 2.61
CA TYR B 72 6.52 -11.25 1.34
C TYR B 72 5.32 -11.00 0.44
N PRO B 73 4.11 -10.97 1.01
CA PRO B 73 2.94 -10.73 0.16
C PRO B 73 3.08 -9.44 -0.63
N GLN B 74 2.59 -9.51 -1.86
CA GLN B 74 2.59 -8.42 -2.84
C GLN B 74 3.91 -8.19 -3.58
N THR B 75 4.89 -9.07 -3.36
CA THR B 75 6.20 -9.00 -4.01
C THR B 75 6.19 -9.43 -5.47
N ASP B 76 6.94 -8.74 -6.31
CA ASP B 76 7.01 -9.06 -7.73
C ASP B 76 8.28 -9.78 -8.08
N VAL B 77 9.37 -9.43 -7.42
CA VAL B 77 10.65 -10.06 -7.67
C VAL B 77 11.47 -10.11 -6.38
N PHE B 78 12.37 -11.07 -6.28
CA PHE B 78 13.20 -11.21 -5.09
C PHE B 78 14.67 -11.09 -5.42
N LEU B 79 15.44 -10.66 -4.44
CA LEU B 79 16.88 -10.50 -4.54
C LEU B 79 17.49 -11.30 -3.40
N VAL B 80 18.04 -12.47 -3.72
CA VAL B 80 18.69 -13.32 -2.72
C VAL B 80 20.15 -12.93 -2.75
N CYS B 81 20.56 -12.15 -1.74
CA CYS B 81 21.92 -11.66 -1.69
C CYS B 81 22.86 -12.50 -0.84
N PHE B 82 24.13 -12.56 -1.26
CA PHE B 82 25.17 -13.29 -0.52
C PHE B 82 26.50 -12.58 -0.76
N SER B 83 27.24 -12.36 0.31
CA SER B 83 28.51 -11.67 0.21
C SER B 83 29.58 -12.58 -0.37
N VAL B 84 29.97 -12.25 -1.59
CA VAL B 84 30.99 -12.99 -2.31
C VAL B 84 32.19 -13.45 -1.45
N VAL B 85 32.61 -12.63 -0.50
CA VAL B 85 33.75 -13.02 0.34
C VAL B 85 33.34 -13.69 1.66
N SER B 86 32.31 -14.52 1.60
CA SER B 86 31.84 -15.24 2.77
C SER B 86 31.05 -16.44 2.26
N PRO B 87 31.73 -17.55 1.95
CA PRO B 87 31.06 -18.76 1.44
C PRO B 87 29.83 -19.13 2.27
N SER B 88 29.87 -18.80 3.55
CA SER B 88 28.75 -19.09 4.45
C SER B 88 27.44 -18.62 3.82
N SER B 89 27.38 -17.33 3.51
CA SER B 89 26.20 -16.71 2.91
C SER B 89 25.78 -17.44 1.65
N PHE B 90 26.76 -17.92 0.91
CA PHE B 90 26.49 -18.63 -0.34
C PHE B 90 25.71 -19.91 -0.10
N GLU B 91 26.24 -20.78 0.75
CA GLU B 91 25.60 -22.05 1.05
C GLU B 91 24.15 -21.80 1.51
N ASN B 92 23.98 -20.80 2.35
CA ASN B 92 22.65 -20.46 2.84
C ASN B 92 21.65 -20.09 1.75
N VAL B 93 22.16 -19.68 0.58
CA VAL B 93 21.26 -19.34 -0.51
C VAL B 93 20.45 -20.54 -0.91
N LYS B 94 21.13 -21.67 -1.07
CA LYS B 94 20.48 -22.93 -1.46
C LYS B 94 19.73 -23.57 -0.29
N GLU B 95 20.44 -23.77 0.81
CA GLU B 95 19.88 -24.42 1.99
C GLU B 95 18.74 -23.65 2.66
N LYS B 96 18.86 -22.32 2.69
CA LYS B 96 17.89 -21.48 3.38
C LYS B 96 16.99 -20.59 2.54
N TRP B 97 17.60 -19.59 1.91
CA TRP B 97 16.88 -18.59 1.13
C TRP B 97 15.94 -19.04 0.03
N VAL B 98 16.48 -19.62 -1.04
CA VAL B 98 15.61 -20.06 -2.15
C VAL B 98 14.41 -20.86 -1.66
N PRO B 99 14.63 -21.87 -0.80
CA PRO B 99 13.51 -22.65 -0.31
C PRO B 99 12.44 -21.76 0.32
N GLU B 100 12.87 -21.03 1.36
CA GLU B 100 11.99 -20.13 2.11
C GLU B 100 11.14 -19.34 1.16
N ILE B 101 11.83 -18.69 0.24
CA ILE B 101 11.21 -17.87 -0.77
C ILE B 101 10.27 -18.73 -1.60
N THR B 102 10.79 -19.83 -2.13
CA THR B 102 10.00 -20.74 -2.96
C THR B 102 8.72 -21.16 -2.28
N HIS B 103 8.82 -21.67 -1.05
CA HIS B 103 7.64 -22.10 -0.34
C HIS B 103 6.61 -20.99 -0.22
N HIS B 104 7.03 -19.86 0.33
CA HIS B 104 6.16 -18.72 0.54
C HIS B 104 5.60 -18.17 -0.76
N CYS B 105 6.53 -17.85 -1.67
CA CYS B 105 6.18 -17.29 -2.97
C CYS B 105 6.61 -18.28 -4.05
N PRO B 106 5.68 -19.15 -4.48
CA PRO B 106 5.98 -20.14 -5.51
C PRO B 106 6.05 -19.62 -6.95
N LYS B 107 5.46 -18.45 -7.21
CA LYS B 107 5.47 -17.93 -8.56
C LYS B 107 6.35 -16.70 -8.78
N THR B 108 6.76 -16.07 -7.68
CA THR B 108 7.59 -14.86 -7.76
C THR B 108 9.05 -15.08 -8.16
N PRO B 109 9.48 -14.47 -9.28
CA PRO B 109 10.87 -14.63 -9.75
C PRO B 109 11.84 -14.01 -8.76
N PHE B 110 13.08 -14.46 -8.77
CA PHE B 110 14.09 -13.90 -7.89
C PHE B 110 15.40 -13.89 -8.65
N LEU B 111 16.35 -13.12 -8.15
CA LEU B 111 17.66 -12.98 -8.78
C LEU B 111 18.76 -13.25 -7.80
N LEU B 112 19.82 -13.91 -8.26
CA LEU B 112 20.94 -14.20 -7.39
C LEU B 112 21.87 -13.00 -7.43
N VAL B 113 22.02 -12.34 -6.30
CA VAL B 113 22.85 -11.15 -6.21
C VAL B 113 24.10 -11.32 -5.36
N GLY B 114 25.26 -11.26 -6.01
CA GLY B 114 26.51 -11.37 -5.29
C GLY B 114 26.85 -9.99 -4.80
N THR B 115 27.17 -9.85 -3.52
CA THR B 115 27.49 -8.54 -2.97
C THR B 115 28.94 -8.39 -2.53
N GLN B 116 29.32 -7.16 -2.19
CA GLN B 116 30.64 -6.83 -1.70
C GLN B 116 31.82 -7.29 -2.55
N ILE B 117 31.61 -7.36 -3.86
CA ILE B 117 32.66 -7.79 -4.79
C ILE B 117 33.99 -7.06 -4.58
N ASP B 118 33.93 -5.78 -4.26
CA ASP B 118 35.12 -4.97 -4.03
C ASP B 118 36.01 -5.61 -2.96
N LEU B 119 35.43 -6.46 -2.11
CA LEU B 119 36.21 -7.11 -1.08
C LEU B 119 37.02 -8.25 -1.66
N ARG B 120 36.63 -8.72 -2.84
CA ARG B 120 37.32 -9.80 -3.52
C ARG B 120 38.75 -9.44 -3.86
N ASP B 121 39.43 -8.74 -2.96
CA ASP B 121 40.82 -8.35 -3.21
C ASP B 121 41.43 -7.68 -2.00
N ASP B 122 40.59 -7.30 -1.03
CA ASP B 122 41.08 -6.68 0.18
C ASP B 122 41.83 -7.82 0.88
N PRO B 123 43.16 -7.81 0.79
CA PRO B 123 44.04 -8.83 1.37
C PRO B 123 43.57 -9.41 2.70
N SER B 124 43.34 -8.54 3.68
CA SER B 124 42.90 -8.97 5.00
C SER B 124 41.75 -9.95 4.88
N THR B 125 40.73 -9.58 4.12
CA THR B 125 39.57 -10.45 3.93
C THR B 125 40.04 -11.76 3.34
N ILE B 126 40.94 -11.67 2.38
CA ILE B 126 41.51 -12.83 1.72
C ILE B 126 42.29 -13.70 2.70
N GLU B 127 43.31 -13.13 3.34
CA GLU B 127 44.13 -13.86 4.30
C GLU B 127 43.30 -14.37 5.48
N LYS B 128 42.15 -13.76 5.75
CA LYS B 128 41.31 -14.24 6.86
C LYS B 128 40.61 -15.50 6.37
N LEU B 129 40.33 -15.53 5.07
CA LEU B 129 39.67 -16.67 4.46
C LEU B 129 40.55 -17.90 4.46
N ALA B 130 41.87 -17.70 4.60
CA ALA B 130 42.85 -18.79 4.61
C ALA B 130 42.34 -20.09 5.22
N LYS B 131 41.51 -19.97 6.26
CA LYS B 131 40.94 -21.12 6.94
C LYS B 131 40.04 -21.94 6.01
N ASN B 132 40.67 -22.71 5.12
CA ASN B 132 39.96 -23.58 4.18
C ASN B 132 39.18 -22.80 3.11
N LYS B 133 39.65 -21.60 2.77
CA LYS B 133 38.93 -20.82 1.76
C LYS B 133 39.83 -20.00 0.83
N GLN B 134 40.47 -20.64 -0.15
CA GLN B 134 41.31 -19.88 -1.08
C GLN B 134 40.44 -19.23 -2.16
N LYS B 135 39.13 -19.21 -1.96
CA LYS B 135 38.32 -18.62 -3.00
C LYS B 135 36.99 -18.00 -2.61
N PRO B 136 36.81 -16.73 -2.98
CA PRO B 136 35.59 -15.96 -2.73
C PRO B 136 34.75 -16.38 -3.94
N ILE B 137 33.45 -16.54 -3.74
CA ILE B 137 32.60 -16.98 -4.82
C ILE B 137 32.87 -16.21 -6.12
N THR B 138 33.27 -16.93 -7.16
CA THR B 138 33.54 -16.31 -8.43
C THR B 138 32.21 -16.23 -9.15
N PRO B 139 32.03 -15.23 -10.04
CA PRO B 139 30.76 -15.12 -10.76
C PRO B 139 30.35 -16.44 -11.38
N GLU B 140 31.31 -17.07 -12.05
CA GLU B 140 31.13 -18.36 -12.69
C GLU B 140 30.49 -19.38 -11.75
N THR B 141 31.04 -19.48 -10.54
CA THR B 141 30.54 -20.43 -9.53
C THR B 141 29.10 -20.12 -9.15
N ALA B 142 28.83 -18.84 -8.85
CA ALA B 142 27.49 -18.41 -8.46
C ALA B 142 26.55 -18.68 -9.60
N GLU B 143 27.00 -18.34 -10.81
CA GLU B 143 26.20 -18.54 -12.00
C GLU B 143 25.64 -19.96 -12.04
N LYS B 144 26.52 -20.92 -11.78
CA LYS B 144 26.16 -22.33 -11.78
C LYS B 144 24.96 -22.52 -10.85
N LEU B 145 25.11 -22.03 -9.63
CA LEU B 145 24.06 -22.15 -8.63
C LEU B 145 22.79 -21.45 -9.10
N ALA B 146 22.98 -20.36 -9.83
CA ALA B 146 21.84 -19.63 -10.36
C ALA B 146 21.03 -20.59 -11.20
N ARG B 147 21.69 -21.24 -12.16
CA ARG B 147 21.04 -22.19 -13.04
C ARG B 147 20.28 -23.22 -12.23
N ASP B 148 20.97 -23.85 -11.28
CA ASP B 148 20.36 -24.89 -10.45
C ASP B 148 19.09 -24.41 -9.79
N LEU B 149 19.22 -23.42 -8.92
CA LEU B 149 18.08 -22.89 -8.19
C LEU B 149 17.06 -22.15 -9.06
N LYS B 150 17.32 -22.09 -10.36
CA LYS B 150 16.42 -21.44 -11.32
C LYS B 150 16.19 -19.93 -11.10
N ALA B 151 17.22 -19.20 -10.69
CA ALA B 151 17.09 -17.76 -10.49
C ALA B 151 16.91 -17.11 -11.88
N VAL B 152 16.32 -15.92 -11.95
CA VAL B 152 16.15 -15.27 -13.25
C VAL B 152 17.53 -15.10 -13.88
N LYS B 153 18.53 -14.91 -13.03
CA LYS B 153 19.94 -14.77 -13.43
C LYS B 153 20.81 -14.34 -12.26
N TYR B 154 22.12 -14.30 -12.50
CA TYR B 154 23.08 -13.90 -11.49
C TYR B 154 23.65 -12.55 -11.80
N VAL B 155 23.54 -11.62 -10.85
CA VAL B 155 24.05 -10.27 -11.01
C VAL B 155 24.81 -9.98 -9.72
N GLU B 156 25.89 -9.23 -9.83
CA GLU B 156 26.66 -8.91 -8.65
C GLU B 156 26.99 -7.43 -8.66
N CYS B 157 27.30 -6.91 -7.48
CA CYS B 157 27.59 -5.49 -7.34
C CYS B 157 28.35 -5.18 -6.05
N SER B 158 28.90 -3.98 -6.00
CA SER B 158 29.62 -3.47 -4.82
C SER B 158 28.94 -2.22 -4.32
N ALA B 159 28.14 -2.35 -3.26
CA ALA B 159 27.46 -1.21 -2.67
C ALA B 159 28.46 -0.10 -2.35
N LEU B 160 29.73 -0.46 -2.21
CA LEU B 160 30.77 0.52 -1.91
C LEU B 160 31.08 1.36 -3.15
N THR B 161 31.64 0.72 -4.17
CA THR B 161 31.99 1.42 -5.41
C THR B 161 30.79 1.63 -6.30
N GLN B 162 29.64 1.15 -5.84
CA GLN B 162 28.41 1.26 -6.61
C GLN B 162 28.57 0.61 -7.97
N LYS B 163 29.58 -0.23 -8.11
CA LYS B 163 29.84 -0.91 -9.37
C LYS B 163 28.70 -1.86 -9.64
N GLY B 164 28.17 -1.83 -10.85
CA GLY B 164 27.08 -2.72 -11.22
C GLY B 164 25.75 -2.47 -10.54
N LEU B 165 25.77 -2.20 -9.24
CA LEU B 165 24.58 -1.93 -8.42
C LEU B 165 23.32 -1.57 -9.22
N LYS B 166 23.33 -0.41 -9.87
CA LYS B 166 22.20 0.08 -10.68
C LYS B 166 21.63 -1.01 -11.59
N ASN B 167 22.54 -1.81 -12.14
CA ASN B 167 22.22 -2.91 -13.05
C ASN B 167 21.36 -3.94 -12.33
N VAL B 168 21.76 -4.27 -11.10
CA VAL B 168 21.06 -5.21 -10.27
C VAL B 168 19.57 -4.88 -10.29
N PHE B 169 19.24 -3.63 -10.02
CA PHE B 169 17.84 -3.22 -10.01
C PHE B 169 17.20 -3.15 -11.39
N ASP B 170 17.97 -2.89 -12.44
CA ASP B 170 17.38 -2.83 -13.78
C ASP B 170 16.92 -4.24 -14.08
N GLU B 171 17.81 -5.19 -13.84
CA GLU B 171 17.49 -6.60 -14.06
C GLU B 171 16.30 -6.89 -13.18
N ALA B 172 16.33 -6.37 -11.96
CA ALA B 172 15.22 -6.57 -11.04
C ALA B 172 13.96 -5.99 -11.65
N ILE B 173 14.09 -4.85 -12.33
CA ILE B 173 12.93 -4.22 -12.96
C ILE B 173 12.46 -5.06 -14.11
N LEU B 174 13.39 -5.42 -14.99
CA LEU B 174 13.01 -6.23 -16.12
C LEU B 174 12.45 -7.58 -15.69
N ALA B 175 12.96 -8.15 -14.59
CA ALA B 175 12.46 -9.45 -14.12
C ALA B 175 11.04 -9.38 -13.60
N ALA B 176 10.70 -8.25 -13.00
CA ALA B 176 9.38 -8.03 -12.39
C ALA B 176 8.32 -7.52 -13.31
N LEU B 177 8.65 -7.14 -14.54
CA LEU B 177 7.62 -6.63 -15.43
C LEU B 177 6.51 -7.62 -15.69
N GLU B 178 5.51 -7.56 -14.83
CA GLU B 178 4.35 -8.43 -14.90
C GLU B 178 3.44 -8.01 -16.06
N GLU B 181 3.67 -9.95 -18.06
CA GLU B 181 2.50 -9.68 -18.92
C GLU B 181 1.24 -9.96 -18.10
N PRO B 182 0.10 -9.36 -18.50
CA PRO B 182 -1.19 -9.53 -17.82
C PRO B 182 -1.80 -10.93 -17.81
N LYS B 183 -1.09 -11.91 -18.38
CA LYS B 183 -1.60 -13.28 -18.41
C LYS B 183 -1.49 -13.93 -17.02
N LYS B 184 -0.29 -13.92 -16.46
CA LYS B 184 -0.04 -14.52 -15.16
C LYS B 184 0.77 -13.56 -14.30
N SER B 185 0.17 -13.13 -13.20
CA SER B 185 0.84 -12.22 -12.29
C SER B 185 1.50 -13.06 -11.20
N ARG B 186 2.82 -13.02 -11.16
CA ARG B 186 3.63 -13.74 -10.17
C ARG B 186 3.55 -13.18 -8.74
N ARG B 187 2.52 -12.37 -8.48
CA ARG B 187 2.33 -11.77 -7.17
C ARG B 187 2.26 -12.78 -6.03
N CYS B 188 3.12 -12.57 -5.04
CA CYS B 188 3.17 -13.45 -3.88
C CYS B 188 1.95 -13.24 -2.99
N VAL B 189 1.10 -14.27 -2.92
CA VAL B 189 -0.14 -14.24 -2.12
C VAL B 189 -0.08 -15.05 -0.81
MG MG C . -13.41 16.70 -3.36
PB GDP D . -15.28 14.38 -4.90
O1B GDP D . -14.01 14.08 -5.65
O2B GDP D . -15.22 15.56 -3.97
O3B GDP D . -15.82 13.12 -4.27
O3A GDP D . -16.48 14.58 -6.03
PA GDP D . -17.23 15.98 -6.27
O1A GDP D . -16.59 17.05 -7.09
O2A GDP D . -18.38 16.29 -5.34
O5' GDP D . -18.07 15.30 -7.41
C5' GDP D . -17.40 15.10 -8.62
C4' GDP D . -18.34 14.96 -9.74
O4' GDP D . -19.47 14.31 -9.21
C3' GDP D . -18.92 16.21 -10.37
O3' GDP D . -19.37 15.96 -11.75
C2' GDP D . -20.18 16.49 -9.61
O2' GDP D . -20.88 17.38 -10.54
C1' GDP D . -20.67 15.03 -9.51
N9 GDP D . -21.73 14.62 -8.58
C8 GDP D . -21.67 14.33 -7.27
N7 GDP D . -22.79 13.91 -6.69
C5 GDP D . -23.64 13.82 -7.78
C6 GDP D . -24.95 13.34 -7.87
O6 GDP D . -25.65 12.82 -6.99
N1 GDP D . -25.47 13.46 -9.13
C2 GDP D . -24.74 13.80 -10.26
N2 GDP D . -25.36 13.88 -11.47
N3 GDP D . -23.47 14.18 -10.18
C4 GDP D . -22.98 14.18 -8.92
MG MG E . 20.73 -5.19 7.67
PB GDP F . 23.11 -6.42 5.96
O1B GDP F . 23.16 -7.72 5.16
O2B GDP F . 22.53 -6.45 7.35
O3B GDP F . 22.36 -5.46 5.13
O3A GDP F . 24.63 -5.99 5.87
PA GDP F . 24.98 -4.44 5.90
O1A GDP F . 24.98 -3.73 7.22
O2A GDP F . 24.82 -3.67 4.62
O5' GDP F . 26.50 -4.93 5.76
C5' GDP F . 27.36 -4.49 6.86
C4' GDP F . 28.75 -4.30 6.41
O4' GDP F . 28.64 -4.33 5.01
C3' GDP F . 29.40 -2.94 6.66
O3' GDP F . 29.94 -2.76 8.01
C2' GDP F . 30.48 -3.04 5.50
O2' GDP F . 31.18 -1.78 5.17
C1' GDP F . 29.87 -4.02 4.42
N9 GDP F . 29.53 -3.64 3.04
C8 GDP F . 28.32 -3.55 2.41
N7 GDP F . 28.33 -3.18 1.16
C5 GDP F . 29.69 -3.27 0.90
C6 GDP F . 30.34 -3.13 -0.30
O6 GDP F . 29.88 -3.07 -1.43
N1 GDP F . 31.69 -3.03 -0.12
C2 GDP F . 32.35 -3.33 1.03
N2 GDP F . 33.63 -3.05 1.10
N3 GDP F . 31.74 -3.73 2.15
C4 GDP F . 30.41 -3.55 2.02
#